data_8W6L
#
_entry.id   8W6L
#
_cell.length_a   41.531
_cell.length_b   48.883
_cell.length_c   51.173
_cell.angle_alpha   94.40
_cell.angle_beta   101.86
_cell.angle_gamma   100.92
#
_symmetry.space_group_name_H-M   'P 1'
#
loop_
_entity.id
_entity.type
_entity.pdbx_description
1 polymer 'MHC class I antigen'
2 polymer Beta-2-microglobulin
3 polymer THR-MET-TYR-SER-LEU-GLY-TYR-ILE-PHE
4 water water
#
loop_
_entity_poly.entity_id
_entity_poly.type
_entity_poly.pdbx_seq_one_letter_code
_entity_poly.pdbx_strand_id
1 'polypeptide(L)'
;GPHSLSYFYTAVSRPDRGDSRFFIVGYVDDTQFVRFDSDAPNAKMEPRAQWIQQEGQEYWDRETQISKDNAQINRVNLNT
LRGYYNQSEAGSHTLQRMYGCYLGPDGLLLRGYDQDAYDGADYIALNEDLRSWTAADMAAQISKRKREAADEAERMRSYL
QGRCVEWLQKYLEMGKDTLQRAEPPKTHVTRHPSSDLGVTLRCWALGFYPKEISLSWQREGQDQSQDMELVETRPSGDGT
FQKWAALVVPPGEEQSYTCHVQHEGLQEPLTLRWD
;
A
2 'polypeptide(L)'
;VARPPKVQVYSRHPAENGKPNYLNCYVSGFHPPQIEIDLLKNGEKMNAEQSDLSFSKDWSFYLLVHTEFTPNAVDQYSCR
VKHVTLDKPKIVKWDRDH
;
B
3 'polypeptide(L)' TMYSLGYIF C
#
# COMPACT_ATOMS: atom_id res chain seq x y z
N GLY A 1 16.70 -3.62 -4.36
CA GLY A 1 16.80 -2.32 -3.64
C GLY A 1 17.08 -2.52 -2.15
N PRO A 2 17.66 -1.52 -1.43
CA PRO A 2 17.95 -1.66 -0.02
C PRO A 2 16.70 -1.85 0.84
N HIS A 3 16.84 -2.62 1.92
CA HIS A 3 15.76 -2.93 2.89
C HIS A 3 15.25 -1.63 3.55
N SER A 4 14.00 -1.62 4.04
CA SER A 4 13.35 -0.44 4.66
C SER A 4 12.42 -0.88 5.79
N LEU A 5 12.36 -0.09 6.86
CA LEU A 5 11.36 -0.20 7.95
C LEU A 5 10.62 1.13 7.97
N SER A 6 9.30 1.11 7.88
CA SER A 6 8.46 2.33 7.68
C SER A 6 7.18 2.25 8.51
N TYR A 7 6.76 3.37 9.08
CA TYR A 7 5.49 3.49 9.84
C TYR A 7 4.63 4.60 9.22
N PHE A 8 3.34 4.32 9.16
CA PHE A 8 2.31 5.07 8.39
C PHE A 8 1.17 5.37 9.37
N TYR A 9 1.04 6.64 9.75
CA TYR A 9 0.03 7.08 10.74
C TYR A 9 -1.09 7.78 9.98
N THR A 10 -2.33 7.40 10.24
CA THR A 10 -3.51 8.16 9.76
C THR A 10 -4.41 8.54 10.95
N ALA A 11 -4.76 9.82 11.04
CA ALA A 11 -5.78 10.35 11.98
C ALA A 11 -6.94 10.92 11.17
N VAL A 12 -8.18 10.56 11.51
CA VAL A 12 -9.39 11.17 10.91
C VAL A 12 -10.24 11.78 12.04
N SER A 13 -10.61 13.06 11.91
CA SER A 13 -11.57 13.74 12.82
C SER A 13 -12.95 13.13 12.60
N ARG A 14 -13.72 12.89 13.66
CA ARG A 14 -15.12 12.38 13.60
C ARG A 14 -16.02 13.37 14.34
N PRO A 15 -16.58 14.37 13.63
CA PRO A 15 -17.30 15.47 14.29
C PRO A 15 -18.75 15.17 14.75
N ASP A 16 -19.42 14.14 14.19
CA ASP A 16 -20.67 13.55 14.76
C ASP A 16 -20.44 13.24 16.24
N ARG A 17 -19.25 12.74 16.54
CA ARG A 17 -18.90 12.30 17.90
C ARG A 17 -17.93 13.27 18.56
N GLY A 18 -17.50 14.30 17.84
CA GLY A 18 -16.47 15.22 18.37
C GLY A 18 -15.22 14.49 18.88
N ASP A 19 -14.77 13.46 18.15
CA ASP A 19 -13.59 12.65 18.52
C ASP A 19 -12.76 12.40 17.26
N SER A 20 -11.77 11.54 17.37
CA SER A 20 -10.90 11.18 16.24
C SER A 20 -10.72 9.65 16.18
N ARG A 21 -10.24 9.13 15.05
CA ARG A 21 -9.79 7.72 14.90
C ARG A 21 -8.35 7.68 14.39
N PHE A 22 -7.56 6.74 14.88
CA PHE A 22 -6.10 6.74 14.66
C PHE A 22 -5.68 5.35 14.24
N PHE A 23 -4.94 5.28 13.14
CA PHE A 23 -4.39 4.02 12.59
C PHE A 23 -2.86 4.14 12.50
N ILE A 24 -2.17 3.04 12.79
CA ILE A 24 -0.76 2.83 12.37
C ILE A 24 -0.67 1.50 11.63
N VAL A 25 0.17 1.45 10.60
CA VAL A 25 0.68 0.17 10.04
C VAL A 25 2.19 0.28 9.95
N GLY A 26 2.90 -0.77 10.36
CA GLY A 26 4.35 -0.94 10.19
C GLY A 26 4.65 -1.86 9.03
N TYR A 27 5.66 -1.52 8.24
CA TYR A 27 6.14 -2.32 7.07
C TYR A 27 7.64 -2.54 7.17
N VAL A 28 8.10 -3.72 6.77
CA VAL A 28 9.52 -3.97 6.35
C VAL A 28 9.45 -4.34 4.88
N ASP A 29 10.03 -3.51 4.00
CA ASP A 29 9.85 -3.58 2.54
C ASP A 29 8.34 -3.57 2.30
N ASP A 30 7.82 -4.50 1.50
CA ASP A 30 6.40 -4.57 1.10
C ASP A 30 5.61 -5.54 2.00
N THR A 31 6.11 -5.89 3.20
CA THR A 31 5.40 -6.78 4.17
C THR A 31 4.89 -5.95 5.37
N GLN A 32 3.56 -5.83 5.53
CA GLN A 32 2.93 -5.29 6.76
C GLN A 32 3.28 -6.25 7.90
N PHE A 33 3.75 -5.75 9.05
CA PHE A 33 4.09 -6.61 10.19
C PHE A 33 3.36 -6.19 11.48
N VAL A 34 2.85 -4.96 11.61
CA VAL A 34 1.99 -4.53 12.76
C VAL A 34 0.84 -3.63 12.30
N ARG A 35 -0.21 -3.53 13.11
CA ARG A 35 -1.26 -2.51 12.98
C ARG A 35 -1.69 -2.03 14.36
N PHE A 36 -2.38 -0.89 14.38
CA PHE A 36 -3.12 -0.36 15.54
C PHE A 36 -4.31 0.42 15.00
N ASP A 37 -5.42 0.32 15.72
CA ASP A 37 -6.68 1.02 15.38
C ASP A 37 -7.31 1.47 16.71
N SER A 38 -7.47 2.79 16.89
CA SER A 38 -7.87 3.42 18.17
C SER A 38 -9.34 3.11 18.44
N ASP A 39 -10.10 2.72 17.43
CA ASP A 39 -11.51 2.31 17.60
C ASP A 39 -11.62 0.88 18.16
N ALA A 40 -10.57 0.06 18.05
CA ALA A 40 -10.63 -1.31 18.61
C ALA A 40 -10.89 -1.17 20.12
N PRO A 41 -11.76 -2.03 20.68
CA PRO A 41 -11.98 -2.04 22.12
C PRO A 41 -10.69 -2.51 22.79
N ASN A 42 -10.29 -1.85 23.90
CA ASN A 42 -9.03 -2.16 24.62
C ASN A 42 -7.84 -2.16 23.63
N ALA A 43 -7.78 -1.16 22.74
CA ALA A 43 -6.96 -1.18 21.49
C ALA A 43 -5.50 -1.41 21.85
N LYS A 44 -4.86 -2.32 21.12
CA LYS A 44 -3.42 -2.66 21.25
C LYS A 44 -2.81 -2.70 19.85
N MET A 45 -1.49 -2.69 19.80
CA MET A 45 -0.72 -2.93 18.58
C MET A 45 -0.66 -4.45 18.40
N GLU A 46 -1.10 -4.93 17.23
CA GLU A 46 -1.25 -6.37 16.93
C GLU A 46 -0.24 -6.78 15.85
N PRO A 47 0.32 -8.01 15.93
CA PRO A 47 1.15 -8.53 14.86
C PRO A 47 0.27 -8.75 13.63
N ARG A 48 0.84 -8.56 12.44
CA ARG A 48 0.22 -8.94 11.14
C ARG A 48 1.26 -9.69 10.31
N ALA A 49 2.24 -10.33 10.96
CA ALA A 49 3.21 -11.22 10.30
C ALA A 49 3.57 -12.30 11.31
N GLN A 50 3.62 -13.56 10.87
CA GLN A 50 3.93 -14.74 11.72
C GLN A 50 5.21 -14.45 12.51
N TRP A 51 6.25 -13.96 11.83
CA TRP A 51 7.64 -13.90 12.33
C TRP A 51 7.81 -12.80 13.39
N ILE A 52 6.78 -11.98 13.66
CA ILE A 52 6.80 -10.99 14.76
C ILE A 52 5.94 -11.47 15.94
N GLN A 53 5.10 -12.51 15.78
CA GLN A 53 4.19 -13.02 16.85
C GLN A 53 4.99 -13.38 18.11
N GLN A 54 6.22 -13.86 17.93
CA GLN A 54 7.16 -14.35 18.98
C GLN A 54 7.56 -13.27 19.98
N GLU A 55 7.42 -11.98 19.64
CA GLU A 55 7.88 -10.87 20.52
C GLU A 55 7.04 -10.88 21.79
N GLY A 56 7.68 -10.61 22.93
CA GLY A 56 7.06 -10.74 24.27
C GLY A 56 6.22 -9.53 24.63
N GLN A 57 5.56 -9.58 25.78
CA GLN A 57 4.68 -8.47 26.24
C GLN A 57 5.49 -7.17 26.35
N GLU A 58 6.79 -7.30 26.60
CA GLU A 58 7.66 -6.12 26.76
C GLU A 58 7.65 -5.33 25.44
N TYR A 59 7.73 -6.01 24.31
CA TYR A 59 7.74 -5.34 22.99
C TYR A 59 6.39 -4.70 22.71
N TRP A 60 5.33 -5.45 22.95
CA TRP A 60 3.94 -5.01 22.65
C TRP A 60 3.53 -3.91 23.63
N ASP A 61 4.05 -3.92 24.85
CA ASP A 61 3.68 -2.93 25.90
C ASP A 61 4.16 -1.54 25.46
N ARG A 62 5.36 -1.47 24.89
CA ARG A 62 6.01 -0.22 24.41
C ARG A 62 5.29 0.34 23.17
N GLU A 63 5.11 -0.48 22.14
CA GLU A 63 4.43 -0.10 20.88
C GLU A 63 2.98 0.29 21.19
N THR A 64 2.27 -0.49 21.99
CA THR A 64 0.86 -0.18 22.36
C THR A 64 0.86 1.17 23.07
N GLN A 65 1.83 1.41 23.95
CA GLN A 65 1.85 2.66 24.76
C GLN A 65 2.03 3.85 23.80
N ILE A 66 2.99 3.74 22.88
CA ILE A 66 3.32 4.80 21.91
C ILE A 66 2.05 5.08 21.10
N SER A 67 1.42 3.99 20.63
CA SER A 67 0.18 4.01 19.80
C SER A 67 -0.91 4.80 20.55
N LYS A 68 -1.17 4.46 21.82
CA LYS A 68 -2.26 5.14 22.60
C LYS A 68 -1.93 6.61 22.78
N ASP A 69 -0.66 6.93 23.09
CA ASP A 69 -0.16 8.33 23.33
C ASP A 69 -0.39 9.09 22.02
N ASN A 70 -0.03 8.45 20.92
CA ASN A 70 -0.16 9.05 19.57
C ASN A 70 -1.63 9.27 19.19
N ALA A 71 -2.52 8.38 19.64
CA ALA A 71 -3.97 8.45 19.37
C ALA A 71 -4.52 9.67 20.10
N GLN A 72 -4.04 9.90 21.31
CA GLN A 72 -4.44 11.05 22.16
C GLN A 72 -3.88 12.36 21.57
N ILE A 73 -2.58 12.41 21.29
CA ILE A 73 -1.87 13.63 20.79
C ILE A 73 -2.46 13.99 19.42
N ASN A 74 -2.67 12.99 18.58
CA ASN A 74 -3.11 13.20 17.19
C ASN A 74 -4.56 13.71 17.18
N ARG A 75 -5.39 13.41 18.19
CA ARG A 75 -6.70 14.09 18.38
C ARG A 75 -6.49 15.62 18.43
N VAL A 76 -5.60 16.10 19.29
CA VAL A 76 -5.44 17.56 19.51
C VAL A 76 -4.71 18.18 18.30
N ASN A 77 -3.71 17.50 17.70
CA ASN A 77 -3.10 17.94 16.41
C ASN A 77 -4.21 18.29 15.41
N LEU A 78 -5.25 17.47 15.29
CA LEU A 78 -6.34 17.74 14.30
C LEU A 78 -7.08 19.02 14.70
N ASN A 79 -7.26 19.28 15.99
CA ASN A 79 -7.94 20.49 16.50
C ASN A 79 -7.05 21.69 16.23
N THR A 80 -5.77 21.58 16.62
CA THR A 80 -4.74 22.61 16.38
C THR A 80 -4.82 23.05 14.91
N LEU A 81 -4.69 22.12 13.97
CA LEU A 81 -4.56 22.41 12.52
C LEU A 81 -5.86 23.03 11.99
N ARG A 82 -7.01 22.54 12.47
CA ARG A 82 -8.32 23.10 12.11
C ARG A 82 -8.31 24.58 12.47
N GLY A 83 -7.81 24.92 13.67
CA GLY A 83 -7.67 26.32 14.11
C GLY A 83 -6.78 27.08 13.15
N TYR A 84 -5.61 26.51 12.82
CA TYR A 84 -4.65 27.20 11.92
C TYR A 84 -5.27 27.47 10.55
N TYR A 85 -6.30 26.73 10.15
CA TYR A 85 -6.89 26.93 8.81
C TYR A 85 -8.23 27.63 8.93
N ASN A 86 -8.58 28.07 10.15
CA ASN A 86 -9.89 28.67 10.50
C ASN A 86 -10.98 27.91 9.75
N GLN A 87 -11.09 26.63 10.06
CA GLN A 87 -12.04 25.73 9.42
C GLN A 87 -13.16 25.48 10.41
N SER A 88 -14.33 25.14 9.87
CA SER A 88 -15.54 24.68 10.60
C SER A 88 -15.26 23.36 11.34
N GLU A 89 -16.05 23.07 12.38
CA GLU A 89 -16.12 21.78 13.11
C GLU A 89 -17.04 20.83 12.33
N ALA A 90 -17.75 21.32 11.32
CA ALA A 90 -18.64 20.51 10.46
C ALA A 90 -17.90 19.27 9.92
N GLY A 91 -16.75 19.50 9.27
CA GLY A 91 -16.14 18.57 8.28
C GLY A 91 -15.18 17.57 8.92
N SER A 92 -14.93 16.46 8.22
CA SER A 92 -13.84 15.51 8.56
C SER A 92 -12.54 15.99 7.90
N HIS A 93 -11.42 15.68 8.53
CA HIS A 93 -10.06 16.02 8.04
C HIS A 93 -9.14 14.87 8.40
N THR A 94 -8.03 14.79 7.67
CA THR A 94 -7.05 13.71 7.84
C THR A 94 -5.66 14.34 7.97
N LEU A 95 -4.88 13.78 8.88
CA LEU A 95 -3.48 14.12 9.18
C LEU A 95 -2.70 12.81 9.06
N GLN A 96 -1.86 12.70 8.03
CA GLN A 96 -0.98 11.54 7.79
C GLN A 96 0.45 11.90 8.21
N ARG A 97 1.17 10.90 8.71
CA ARG A 97 2.64 10.94 8.89
C ARG A 97 3.23 9.64 8.31
N MET A 98 4.41 9.72 7.72
CA MET A 98 5.20 8.51 7.42
C MET A 98 6.66 8.81 7.71
N TYR A 99 7.39 7.81 8.15
CA TYR A 99 8.84 7.88 8.45
C TYR A 99 9.39 6.46 8.37
N GLY A 100 10.71 6.35 8.21
CA GLY A 100 11.44 5.06 8.14
C GLY A 100 12.89 5.26 7.74
N CYS A 101 13.68 4.18 7.81
CA CYS A 101 15.12 4.12 7.47
C CYS A 101 15.36 3.08 6.36
N TYR A 102 16.30 3.39 5.45
CA TYR A 102 16.83 2.41 4.46
C TYR A 102 18.14 1.87 5.05
N LEU A 103 18.50 0.64 4.72
CA LEU A 103 19.68 -0.06 5.30
C LEU A 103 20.77 -0.08 4.26
N GLY A 104 21.76 0.79 4.46
CA GLY A 104 22.90 0.99 3.54
C GLY A 104 23.81 -0.23 3.50
N PRO A 105 24.73 -0.28 2.52
CA PRO A 105 25.52 -1.47 2.26
C PRO A 105 26.55 -1.75 3.36
N ASP A 106 26.94 -0.73 4.16
CA ASP A 106 27.90 -0.87 5.28
C ASP A 106 27.13 -0.87 6.60
N GLY A 107 25.88 -1.37 6.57
CA GLY A 107 25.03 -1.63 7.76
C GLY A 107 24.73 -0.35 8.54
N LEU A 108 24.81 0.82 7.90
CA LEU A 108 24.49 2.15 8.48
C LEU A 108 23.26 2.74 7.78
N LEU A 109 22.68 3.81 8.32
CA LEU A 109 21.51 4.51 7.72
C LEU A 109 21.92 5.03 6.34
N LEU A 110 21.07 4.81 5.35
CA LEU A 110 21.36 5.29 3.98
C LEU A 110 20.44 6.46 3.67
N ARG A 111 19.14 6.33 3.93
CA ARG A 111 18.22 7.45 3.65
C ARG A 111 17.04 7.43 4.62
N GLY A 112 17.11 8.17 5.71
CA GLY A 112 15.98 8.28 6.64
C GLY A 112 15.05 9.37 6.15
N TYR A 113 13.78 9.29 6.51
CA TYR A 113 12.77 10.28 6.06
C TYR A 113 11.68 10.43 7.12
N ASP A 114 10.92 11.51 6.97
CA ASP A 114 9.81 11.88 7.87
C ASP A 114 9.05 13.04 7.24
N GLN A 115 7.71 12.92 7.13
CA GLN A 115 6.86 13.87 6.35
C GLN A 115 5.44 13.84 6.94
N ASP A 116 4.71 14.95 6.80
CA ASP A 116 3.28 15.03 7.19
C ASP A 116 2.47 15.62 6.06
N ALA A 117 1.17 15.44 6.14
CA ALA A 117 0.19 15.86 5.13
C ALA A 117 -1.11 16.08 5.87
N TYR A 118 -1.70 17.26 5.70
CA TYR A 118 -3.07 17.60 6.12
C TYR A 118 -3.93 17.63 4.86
N ASP A 119 -5.09 16.95 4.88
CA ASP A 119 -6.03 16.76 3.74
C ASP A 119 -5.25 16.41 2.46
N GLY A 120 -4.20 15.61 2.57
CA GLY A 120 -3.51 14.99 1.42
C GLY A 120 -2.52 15.93 0.75
N ALA A 121 -2.37 17.13 1.30
CA ALA A 121 -1.40 18.15 0.88
C ALA A 121 -0.19 18.03 1.81
N ASP A 122 1.01 17.99 1.23
CA ASP A 122 2.28 18.11 1.99
C ASP A 122 2.13 19.26 2.98
N TYR A 123 2.54 19.09 4.23
CA TYR A 123 2.49 20.14 5.28
C TYR A 123 3.92 20.42 5.77
N ILE A 124 4.63 19.39 6.23
CA ILE A 124 6.04 19.49 6.67
C ILE A 124 6.82 18.26 6.25
N ALA A 125 8.06 18.45 5.84
CA ALA A 125 9.05 17.37 5.71
C ALA A 125 10.27 17.72 6.55
N LEU A 126 10.88 16.69 7.14
CA LEU A 126 12.28 16.72 7.61
C LEU A 126 13.16 16.75 6.37
N ASN A 127 14.14 17.63 6.37
CA ASN A 127 15.06 17.78 5.23
C ASN A 127 16.01 16.58 5.13
N GLU A 128 16.60 16.41 3.95
CA GLU A 128 17.59 15.33 3.66
C GLU A 128 18.67 15.23 4.74
N ASP A 129 19.23 16.35 5.21
CA ASP A 129 20.32 16.29 6.22
C ASP A 129 19.81 15.88 7.60
N LEU A 130 18.49 15.88 7.80
CA LEU A 130 17.75 15.53 9.04
C LEU A 130 18.13 16.53 10.13
N ARG A 131 18.37 17.78 9.79
CA ARG A 131 18.74 18.80 10.80
C ARG A 131 17.86 20.03 10.65
N SER A 132 16.80 19.93 9.85
CA SER A 132 15.96 21.12 9.54
C SER A 132 14.64 20.66 8.89
N TRP A 133 13.61 21.48 8.99
CA TRP A 133 12.30 21.16 8.40
C TRP A 133 12.02 22.12 7.24
N THR A 134 11.16 21.71 6.31
CA THR A 134 10.55 22.55 5.25
C THR A 134 9.03 22.56 5.40
N ALA A 135 8.44 23.74 5.42
CA ALA A 135 7.02 23.94 5.73
C ALA A 135 6.34 24.48 4.48
N ALA A 136 5.13 24.01 4.18
CA ALA A 136 4.46 24.20 2.88
C ALA A 136 3.68 25.52 2.87
N ASP A 137 3.32 26.09 4.02
CA ASP A 137 2.42 27.27 4.09
C ASP A 137 2.53 27.95 5.47
N MET A 138 1.70 28.96 5.70
CA MET A 138 1.71 29.79 6.93
C MET A 138 1.40 28.93 8.16
N ALA A 139 0.47 27.98 8.04
CA ALA A 139 0.08 27.09 9.15
C ALA A 139 1.24 26.17 9.53
N ALA A 140 1.85 25.56 8.53
CA ALA A 140 3.00 24.66 8.68
C ALA A 140 4.17 25.43 9.31
N GLN A 141 4.37 26.71 8.99
CA GLN A 141 5.41 27.56 9.62
C GLN A 141 5.25 27.59 11.14
N ILE A 142 4.02 27.65 11.65
CA ILE A 142 3.76 27.60 13.12
C ILE A 142 4.28 26.30 13.71
N SER A 143 3.91 25.15 13.13
CA SER A 143 4.37 23.83 13.62
C SER A 143 5.90 23.71 13.54
N LYS A 144 6.49 24.22 12.48
CA LYS A 144 7.96 24.15 12.24
C LYS A 144 8.69 24.92 13.33
N ARG A 145 8.21 26.11 13.66
CA ARG A 145 8.89 26.91 14.71
C ARG A 145 8.89 26.14 16.04
N LYS A 146 7.76 25.52 16.41
CA LYS A 146 7.66 24.77 17.68
C LYS A 146 8.65 23.61 17.72
N ARG A 147 8.67 22.81 16.66
CA ARG A 147 9.64 21.69 16.51
C ARG A 147 11.07 22.20 16.61
N GLU A 148 11.37 23.37 16.01
CA GLU A 148 12.72 23.98 16.08
C GLU A 148 13.01 24.37 17.55
N ALA A 149 12.05 25.04 18.19
CA ALA A 149 12.18 25.45 19.61
C ALA A 149 12.36 24.19 20.46
N ALA A 150 11.85 23.04 20.02
CA ALA A 150 11.90 21.80 20.83
C ALA A 150 13.09 20.91 20.44
N ASP A 151 13.84 21.27 19.40
CA ASP A 151 15.05 20.51 18.95
C ASP A 151 14.65 19.07 18.56
N GLU A 152 13.49 18.89 17.95
CA GLU A 152 12.92 17.56 17.62
C GLU A 152 13.56 16.95 16.36
N ALA A 153 14.14 17.75 15.47
CA ALA A 153 14.84 17.24 14.26
C ALA A 153 16.04 16.39 14.70
N GLU A 154 16.73 16.72 15.79
CA GLU A 154 17.86 15.87 16.24
C GLU A 154 17.28 14.61 16.85
N ARG A 155 16.08 14.65 17.46
CA ARG A 155 15.46 13.47 18.10
C ARG A 155 15.16 12.43 16.99
N MET A 156 14.49 12.88 15.93
CA MET A 156 14.26 12.07 14.71
C MET A 156 15.62 11.60 14.14
N ARG A 157 16.59 12.49 13.97
CA ARG A 157 17.86 12.06 13.35
C ARG A 157 18.45 10.93 14.21
N SER A 158 18.45 11.05 15.54
CA SER A 158 19.00 10.01 16.45
C SER A 158 18.20 8.71 16.30
N TYR A 159 16.87 8.82 16.16
CA TYR A 159 15.99 7.63 16.06
C TYR A 159 16.29 6.92 14.74
N LEU A 160 16.21 7.64 13.63
CA LEU A 160 16.41 7.07 12.27
C LEU A 160 17.77 6.37 12.19
N GLN A 161 18.80 7.00 12.76
CA GLN A 161 20.23 6.58 12.70
C GLN A 161 20.49 5.46 13.70
N GLY A 162 19.66 5.37 14.77
CA GLY A 162 19.89 4.43 15.88
C GLY A 162 18.86 3.31 15.86
N ARG A 163 17.78 3.49 16.62
CA ARG A 163 16.69 2.48 16.83
C ARG A 163 16.14 1.98 15.48
N CYS A 164 15.77 2.89 14.57
CA CYS A 164 15.11 2.48 13.31
C CYS A 164 15.97 1.41 12.61
N VAL A 165 17.20 1.76 12.24
CA VAL A 165 18.14 0.85 11.53
C VAL A 165 18.34 -0.44 12.34
N GLU A 166 18.61 -0.31 13.61
CA GLU A 166 18.87 -1.46 14.49
C GLU A 166 17.70 -2.44 14.48
N TRP A 167 16.49 -1.94 14.57
CA TRP A 167 15.29 -2.83 14.60
C TRP A 167 14.98 -3.34 13.18
N LEU A 168 15.33 -2.59 12.13
CA LEU A 168 15.29 -3.10 10.73
C LEU A 168 16.14 -4.36 10.66
N GLN A 169 17.41 -4.29 11.10
CA GLN A 169 18.38 -5.43 11.04
C GLN A 169 17.80 -6.63 11.81
N LYS A 170 17.21 -6.41 12.98
CA LYS A 170 16.56 -7.46 13.83
C LYS A 170 15.36 -8.10 13.11
N TYR A 171 14.48 -7.28 12.53
CA TYR A 171 13.27 -7.75 11.82
C TYR A 171 13.69 -8.58 10.60
N LEU A 172 14.60 -8.05 9.78
CA LEU A 172 15.16 -8.77 8.59
C LEU A 172 15.68 -10.14 8.98
N GLU A 173 16.33 -10.26 10.14
CA GLU A 173 16.85 -11.55 10.66
C GLU A 173 15.68 -12.47 10.99
N MET A 174 14.82 -12.05 11.92
CA MET A 174 13.62 -12.79 12.37
C MET A 174 12.80 -13.36 11.20
N GLY A 175 12.69 -12.62 10.09
CA GLY A 175 11.82 -12.98 8.95
C GLY A 175 12.59 -13.29 7.68
N LYS A 176 13.87 -13.68 7.76
CA LYS A 176 14.78 -13.82 6.59
C LYS A 176 14.18 -14.77 5.54
N ASP A 177 13.51 -15.84 5.98
CA ASP A 177 12.89 -16.87 5.09
C ASP A 177 11.94 -16.19 4.10
N THR A 178 11.09 -15.27 4.58
CA THR A 178 10.10 -14.54 3.73
C THR A 178 10.76 -13.27 3.23
N LEU A 179 11.44 -12.50 4.09
CA LEU A 179 11.83 -11.09 3.82
C LEU A 179 13.01 -11.01 2.87
N GLN A 180 13.92 -11.98 2.93
CA GLN A 180 15.20 -11.90 2.17
C GLN A 180 15.19 -12.91 1.02
N ARG A 181 14.18 -13.78 0.91
CA ARG A 181 14.08 -14.74 -0.23
C ARG A 181 13.23 -14.09 -1.31
N ALA A 182 13.72 -14.07 -2.54
CA ALA A 182 13.00 -13.48 -3.69
C ALA A 182 12.26 -14.61 -4.38
N GLU A 183 10.95 -14.46 -4.47
CA GLU A 183 10.06 -15.39 -5.17
C GLU A 183 9.95 -14.88 -6.60
N PRO A 184 10.35 -15.73 -7.60
CA PRO A 184 10.26 -15.33 -9.00
C PRO A 184 8.82 -15.47 -9.51
N PRO A 185 8.45 -14.74 -10.58
CA PRO A 185 7.09 -14.80 -11.08
C PRO A 185 6.84 -16.14 -11.78
N LYS A 186 5.67 -16.73 -11.53
CA LYS A 186 5.08 -17.83 -12.33
C LYS A 186 4.39 -17.16 -13.53
N THR A 187 4.78 -17.49 -14.75
CA THR A 187 4.38 -16.71 -15.96
C THR A 187 3.76 -17.61 -17.04
N HIS A 188 2.81 -17.06 -17.79
CA HIS A 188 2.20 -17.69 -18.98
C HIS A 188 1.57 -16.60 -19.86
N VAL A 189 1.25 -16.96 -21.10
CA VAL A 189 0.54 -16.09 -22.08
C VAL A 189 -0.81 -16.72 -22.35
N THR A 190 -1.84 -15.87 -22.44
CA THR A 190 -3.22 -16.27 -22.81
C THR A 190 -3.59 -15.54 -24.08
N ARG A 191 -4.44 -16.18 -24.86
CA ARG A 191 -4.84 -15.63 -26.17
C ARG A 191 -6.35 -15.52 -26.19
N HIS A 192 -6.86 -14.38 -26.59
CA HIS A 192 -8.32 -14.19 -26.75
C HIS A 192 -8.58 -13.66 -28.15
N PRO A 193 -8.98 -14.49 -29.13
CA PRO A 193 -9.29 -14.04 -30.49
C PRO A 193 -10.62 -13.28 -30.49
N SER A 194 -10.83 -12.39 -31.45
CA SER A 194 -12.06 -11.57 -31.47
C SER A 194 -12.86 -11.77 -32.77
N SER A 195 -14.06 -11.18 -32.79
CA SER A 195 -15.01 -11.23 -33.93
C SER A 195 -14.29 -10.96 -35.25
N ASP A 196 -13.82 -9.73 -35.38
CA ASP A 196 -13.10 -9.17 -36.55
C ASP A 196 -12.34 -7.94 -36.03
N LEU A 197 -11.43 -8.11 -35.06
CA LEU A 197 -10.76 -6.92 -34.47
C LEU A 197 -9.29 -7.19 -34.11
N GLY A 198 -8.86 -8.45 -34.09
CA GLY A 198 -7.48 -8.78 -33.69
C GLY A 198 -7.49 -9.69 -32.49
N VAL A 199 -6.37 -10.34 -32.21
CA VAL A 199 -6.22 -11.30 -31.07
C VAL A 199 -5.53 -10.62 -29.90
N THR A 200 -6.07 -10.73 -28.69
CA THR A 200 -5.37 -10.19 -27.49
C THR A 200 -4.44 -11.24 -26.87
N LEU A 201 -3.16 -10.89 -26.76
CA LEU A 201 -2.13 -11.71 -26.08
C LEU A 201 -1.92 -11.09 -24.69
N ARG A 202 -2.14 -11.85 -23.62
CA ARG A 202 -1.98 -11.36 -22.22
C ARG A 202 -0.83 -12.14 -21.57
N CYS A 203 0.20 -11.42 -21.10
CA CYS A 203 1.40 -12.02 -20.45
C CYS A 203 1.28 -11.86 -18.93
N TRP A 204 1.06 -12.97 -18.22
CA TRP A 204 0.81 -12.97 -16.76
C TRP A 204 2.12 -13.25 -16.02
N ALA A 205 2.32 -12.59 -14.88
CA ALA A 205 3.29 -12.94 -13.83
C ALA A 205 2.56 -13.02 -12.50
N LEU A 206 2.69 -14.13 -11.79
CA LEU A 206 1.98 -14.28 -10.50
C LEU A 206 2.91 -14.84 -9.44
N GLY A 207 2.59 -14.57 -8.19
CA GLY A 207 3.28 -15.11 -7.00
C GLY A 207 4.72 -14.73 -6.81
N PHE A 208 5.10 -13.51 -7.16
CA PHE A 208 6.50 -13.04 -6.99
C PHE A 208 6.57 -12.20 -5.70
N TYR A 209 7.67 -12.24 -4.95
CA TYR A 209 7.62 -11.51 -3.65
C TYR A 209 7.97 -10.04 -3.77
N PRO A 210 9.18 -9.60 -4.17
CA PRO A 210 9.41 -8.17 -4.23
C PRO A 210 8.45 -7.57 -5.28
N LYS A 211 7.79 -6.45 -4.98
CA LYS A 211 6.77 -5.80 -5.87
C LYS A 211 7.35 -5.39 -7.24
N GLU A 212 8.62 -5.01 -7.29
CA GLU A 212 9.25 -4.44 -8.52
C GLU A 212 9.39 -5.57 -9.54
N ILE A 213 8.91 -5.30 -10.76
CA ILE A 213 8.95 -6.23 -11.93
C ILE A 213 8.85 -5.39 -13.23
N SER A 214 9.36 -5.90 -14.34
CA SER A 214 9.19 -5.29 -15.68
C SER A 214 8.59 -6.33 -16.61
N LEU A 215 7.41 -6.02 -17.16
CA LEU A 215 6.79 -6.74 -18.30
C LEU A 215 6.90 -5.86 -19.54
N SER A 216 7.29 -6.46 -20.66
CA SER A 216 7.25 -5.84 -22.01
C SER A 216 7.09 -6.90 -23.10
N TRP A 217 6.54 -6.44 -24.21
CA TRP A 217 6.25 -7.24 -25.41
C TRP A 217 7.19 -6.77 -26.51
N GLN A 218 7.68 -7.72 -27.28
CA GLN A 218 8.65 -7.44 -28.37
C GLN A 218 8.19 -8.16 -29.64
N ARG A 219 8.54 -7.64 -30.81
CA ARG A 219 8.20 -8.33 -32.06
C ARG A 219 9.40 -8.24 -33.00
N GLU A 220 10.00 -9.40 -33.32
CA GLU A 220 11.16 -9.60 -34.25
C GLU A 220 12.49 -8.98 -33.79
N GLY A 221 12.58 -8.40 -32.60
CA GLY A 221 13.81 -7.72 -32.19
C GLY A 221 13.57 -6.23 -32.22
N GLN A 222 12.43 -5.83 -31.63
CA GLN A 222 11.93 -4.44 -31.47
C GLN A 222 10.93 -4.43 -30.31
N ASP A 223 10.94 -3.40 -29.47
CA ASP A 223 9.99 -3.25 -28.34
C ASP A 223 8.61 -2.86 -28.86
N GLN A 224 7.55 -3.10 -28.06
CA GLN A 224 6.15 -2.83 -28.49
C GLN A 224 5.38 -2.07 -27.43
N SER A 225 6.01 -1.85 -26.27
CA SER A 225 5.49 -1.09 -25.09
C SER A 225 4.55 0.04 -25.51
N GLN A 226 4.78 0.49 -26.74
CA GLN A 226 4.07 1.66 -27.30
C GLN A 226 2.55 1.48 -27.19
N ASP A 227 2.02 0.32 -27.60
CA ASP A 227 0.53 0.17 -27.61
C ASP A 227 0.09 -0.98 -26.70
N MET A 228 0.93 -1.36 -25.74
CA MET A 228 0.54 -2.45 -24.80
C MET A 228 -0.19 -1.88 -23.57
N GLU A 229 -1.20 -2.59 -23.09
CA GLU A 229 -1.97 -2.25 -21.86
C GLU A 229 -1.25 -2.89 -20.67
N LEU A 230 -0.90 -2.10 -19.66
CA LEU A 230 -0.11 -2.57 -18.50
C LEU A 230 -0.84 -2.22 -17.19
N VAL A 231 -1.57 -3.17 -16.58
CA VAL A 231 -2.21 -2.98 -15.25
C VAL A 231 -1.16 -2.73 -14.16
N GLU A 232 -1.60 -2.09 -13.07
CA GLU A 232 -0.78 -1.74 -11.90
C GLU A 232 -0.55 -3.04 -11.10
N THR A 233 0.68 -3.23 -10.62
CA THR A 233 1.06 -4.42 -9.84
C THR A 233 0.05 -4.52 -8.71
N ARG A 234 -0.51 -5.70 -8.44
CA ARG A 234 -1.54 -5.79 -7.38
C ARG A 234 -1.16 -6.90 -6.41
N PRO A 235 -1.60 -6.79 -5.13
CA PRO A 235 -1.41 -7.87 -4.16
C PRO A 235 -2.31 -9.07 -4.50
N SER A 236 -1.79 -10.28 -4.37
CA SER A 236 -2.52 -11.55 -4.53
C SER A 236 -3.28 -11.84 -3.23
N GLY A 237 -2.80 -11.25 -2.14
CA GLY A 237 -3.44 -11.26 -0.80
C GLY A 237 -2.87 -12.35 0.07
N ASP A 238 -1.83 -13.04 -0.41
CA ASP A 238 -1.08 -14.10 0.32
C ASP A 238 0.38 -13.66 0.48
N GLY A 239 0.65 -12.37 0.27
CA GLY A 239 1.98 -11.75 0.47
C GLY A 239 2.81 -11.64 -0.81
N THR A 240 2.34 -12.26 -1.90
CA THR A 240 2.96 -12.21 -3.25
C THR A 240 2.25 -11.13 -4.07
N PHE A 241 2.70 -10.83 -5.29
CA PHE A 241 1.98 -9.89 -6.18
C PHE A 241 1.73 -10.52 -7.54
N GLN A 242 0.89 -9.86 -8.33
CA GLN A 242 0.66 -10.26 -9.75
C GLN A 242 0.63 -9.01 -10.62
N LYS A 243 0.84 -9.24 -11.92
CA LYS A 243 0.87 -8.19 -12.99
C LYS A 243 0.66 -8.83 -14.37
N TRP A 244 -0.03 -8.13 -15.25
CA TRP A 244 -0.12 -8.57 -16.67
C TRP A 244 0.07 -7.39 -17.62
N ALA A 245 0.48 -7.73 -18.84
CA ALA A 245 0.64 -6.84 -20.01
C ALA A 245 0.05 -7.55 -21.22
N ALA A 246 -0.75 -6.82 -21.98
CA ALA A 246 -1.58 -7.34 -23.07
C ALA A 246 -1.36 -6.45 -24.27
N LEU A 247 -1.43 -7.01 -25.48
CA LEU A 247 -1.51 -6.21 -26.73
C LEU A 247 -2.32 -7.00 -27.76
N VAL A 248 -2.94 -6.26 -28.68
CA VAL A 248 -3.74 -6.81 -29.81
C VAL A 248 -2.79 -6.98 -30.99
N VAL A 249 -2.81 -8.18 -31.59
CA VAL A 249 -1.95 -8.55 -32.75
C VAL A 249 -2.82 -9.14 -33.86
N PRO A 250 -2.39 -9.01 -35.14
CA PRO A 250 -3.15 -9.56 -36.25
C PRO A 250 -3.39 -11.05 -36.05
N PRO A 251 -4.55 -11.59 -36.48
CA PRO A 251 -4.76 -13.04 -36.54
C PRO A 251 -3.58 -13.73 -37.24
N GLY A 252 -3.10 -14.85 -36.70
CA GLY A 252 -2.00 -15.66 -37.30
C GLY A 252 -0.60 -15.22 -36.88
N GLU A 253 -0.43 -14.05 -36.25
CA GLU A 253 0.93 -13.49 -35.97
C GLU A 253 1.37 -13.78 -34.52
N GLU A 254 0.62 -14.60 -33.78
CA GLU A 254 0.78 -14.71 -32.30
C GLU A 254 2.22 -15.11 -31.95
N GLN A 255 2.86 -16.02 -32.69
CA GLN A 255 4.27 -16.50 -32.41
C GLN A 255 5.31 -15.45 -32.82
N SER A 256 4.90 -14.36 -33.49
CA SER A 256 5.81 -13.26 -33.85
C SER A 256 6.07 -12.35 -32.65
N TYR A 257 5.40 -12.56 -31.52
CA TYR A 257 5.52 -11.71 -30.30
C TYR A 257 6.06 -12.52 -29.12
N THR A 258 6.99 -11.93 -28.38
CA THR A 258 7.56 -12.50 -27.13
C THR A 258 7.34 -11.53 -25.98
N CYS A 259 6.91 -12.06 -24.84
CA CYS A 259 6.84 -11.31 -23.57
C CYS A 259 8.20 -11.44 -22.87
N HIS A 260 8.73 -10.33 -22.36
CA HIS A 260 10.02 -10.20 -21.64
C HIS A 260 9.72 -9.86 -20.18
N VAL A 261 10.17 -10.71 -19.25
CA VAL A 261 9.91 -10.53 -17.79
C VAL A 261 11.24 -10.28 -17.07
N GLN A 262 11.33 -9.16 -16.35
CA GLN A 262 12.46 -8.84 -15.46
C GLN A 262 11.96 -8.73 -14.02
N HIS A 263 12.51 -9.59 -13.16
CA HIS A 263 12.29 -9.67 -11.69
C HIS A 263 13.56 -10.22 -11.03
N GLU A 264 13.93 -9.64 -9.89
CA GLU A 264 15.21 -9.89 -9.17
C GLU A 264 15.28 -11.32 -8.61
N GLY A 265 14.19 -12.09 -8.69
CA GLY A 265 14.09 -13.48 -8.18
C GLY A 265 14.34 -14.52 -9.27
N LEU A 266 14.64 -14.07 -10.49
CA LEU A 266 14.96 -14.93 -11.66
C LEU A 266 16.48 -14.93 -11.87
N GLN A 267 17.02 -16.08 -12.28
CA GLN A 267 18.48 -16.29 -12.52
C GLN A 267 18.87 -15.46 -13.77
N GLU A 268 18.02 -15.47 -14.80
CA GLU A 268 18.20 -14.75 -16.10
C GLU A 268 16.88 -14.11 -16.49
N PRO A 269 16.89 -12.87 -17.07
CA PRO A 269 15.71 -12.32 -17.75
C PRO A 269 15.03 -13.35 -18.66
N LEU A 270 13.69 -13.40 -18.63
CA LEU A 270 12.83 -14.52 -19.14
C LEU A 270 12.05 -14.08 -20.38
N THR A 271 11.85 -15.01 -21.30
CA THR A 271 11.24 -14.81 -22.63
C THR A 271 10.07 -15.81 -22.79
N LEU A 272 8.87 -15.31 -23.08
CA LEU A 272 7.61 -16.10 -23.18
C LEU A 272 6.93 -15.83 -24.52
N ARG A 273 6.26 -16.83 -25.08
CA ARG A 273 5.33 -16.64 -26.23
C ARG A 273 4.17 -17.62 -26.02
N TRP A 274 3.04 -17.40 -26.71
CA TRP A 274 1.79 -18.15 -26.49
C TRP A 274 1.91 -19.57 -27.04
N ALA B 2 -8.41 16.15 -3.20
CA ALA B 2 -9.37 15.01 -3.45
C ALA B 2 -8.95 14.23 -4.69
N ARG B 3 -8.75 12.91 -4.56
CA ARG B 3 -8.25 12.00 -5.64
C ARG B 3 -9.17 10.78 -5.76
N PRO B 4 -9.51 10.36 -7.01
CA PRO B 4 -10.37 9.21 -7.23
C PRO B 4 -9.65 7.88 -7.12
N PRO B 5 -10.36 6.81 -6.70
CA PRO B 5 -9.79 5.48 -6.65
C PRO B 5 -9.71 4.85 -8.04
N LYS B 6 -8.66 4.09 -8.30
CA LYS B 6 -8.63 3.04 -9.35
C LYS B 6 -8.95 1.71 -8.67
N VAL B 7 -9.65 0.85 -9.38
CA VAL B 7 -10.28 -0.41 -8.89
C VAL B 7 -9.83 -1.54 -9.80
N GLN B 8 -9.28 -2.61 -9.25
CA GLN B 8 -8.96 -3.82 -10.02
C GLN B 8 -9.65 -4.99 -9.33
N VAL B 9 -10.21 -5.92 -10.10
CA VAL B 9 -10.93 -7.10 -9.55
C VAL B 9 -10.37 -8.31 -10.26
N TYR B 10 -9.94 -9.29 -9.46
CA TYR B 10 -9.18 -10.46 -9.95
C TYR B 10 -9.15 -11.51 -8.83
N SER B 11 -8.85 -12.74 -9.21
CA SER B 11 -8.66 -13.91 -8.32
C SER B 11 -7.19 -14.02 -7.96
N ARG B 12 -6.88 -14.70 -6.86
CA ARG B 12 -5.48 -14.85 -6.35
C ARG B 12 -4.70 -15.75 -7.30
N HIS B 13 -5.32 -16.87 -7.67
CA HIS B 13 -4.80 -17.90 -8.60
C HIS B 13 -5.70 -17.87 -9.85
N PRO B 14 -5.22 -18.32 -11.04
CA PRO B 14 -6.10 -18.42 -12.22
C PRO B 14 -7.33 -19.33 -11.96
N ALA B 15 -8.50 -18.85 -12.35
CA ALA B 15 -9.83 -19.47 -12.08
C ALA B 15 -9.96 -20.79 -12.85
N GLU B 16 -10.19 -21.89 -12.10
CA GLU B 16 -10.77 -23.16 -12.59
C GLU B 16 -12.14 -23.33 -11.93
N ASN B 17 -13.17 -23.64 -12.69
CA ASN B 17 -14.54 -23.85 -12.15
C ASN B 17 -14.48 -25.00 -11.14
N GLY B 18 -15.30 -24.89 -10.09
CA GLY B 18 -15.42 -25.88 -9.00
C GLY B 18 -14.14 -26.02 -8.20
N LYS B 19 -13.21 -25.06 -8.28
CA LYS B 19 -11.92 -25.10 -7.52
C LYS B 19 -11.84 -23.93 -6.54
N PRO B 20 -11.68 -24.21 -5.22
CA PRO B 20 -11.64 -23.16 -4.20
C PRO B 20 -10.54 -22.13 -4.53
N ASN B 21 -10.87 -20.85 -4.43
CA ASN B 21 -9.96 -19.71 -4.74
C ASN B 21 -10.28 -18.53 -3.82
N TYR B 22 -9.77 -17.34 -4.20
CA TYR B 22 -9.90 -16.08 -3.45
C TYR B 22 -10.17 -14.94 -4.43
N LEU B 23 -11.21 -14.17 -4.14
CA LEU B 23 -11.63 -13.04 -5.00
C LEU B 23 -11.13 -11.74 -4.34
N ASN B 24 -10.40 -10.94 -5.10
CA ASN B 24 -9.74 -9.69 -4.66
C ASN B 24 -10.43 -8.51 -5.34
N CYS B 25 -10.58 -7.42 -4.61
CA CYS B 25 -10.90 -6.08 -5.15
C CYS B 25 -9.87 -5.14 -4.54
N TYR B 26 -8.95 -4.67 -5.39
CA TYR B 26 -7.82 -3.79 -5.04
C TYR B 26 -8.20 -2.36 -5.43
N VAL B 27 -8.32 -1.51 -4.41
CA VAL B 27 -8.80 -0.10 -4.54
C VAL B 27 -7.66 0.79 -4.08
N SER B 28 -7.23 1.74 -4.92
CA SER B 28 -5.95 2.49 -4.75
C SER B 28 -6.06 3.92 -5.24
N GLY B 29 -5.09 4.76 -4.82
CA GLY B 29 -4.89 6.13 -5.31
C GLY B 29 -5.90 7.13 -4.78
N PHE B 30 -6.75 6.74 -3.84
CA PHE B 30 -7.85 7.64 -3.35
C PHE B 30 -7.45 8.53 -2.16
N HIS B 31 -8.20 9.62 -2.03
CA HIS B 31 -8.13 10.69 -0.99
C HIS B 31 -9.41 11.54 -1.12
N PRO B 32 -10.23 11.74 -0.08
CA PRO B 32 -9.98 11.26 1.26
C PRO B 32 -10.21 9.76 1.50
N PRO B 33 -9.85 9.28 2.71
CA PRO B 33 -9.90 7.87 3.04
C PRO B 33 -11.29 7.26 3.23
N GLN B 34 -12.32 8.06 3.47
CA GLN B 34 -13.68 7.51 3.63
C GLN B 34 -14.09 6.85 2.31
N ILE B 35 -14.41 5.55 2.34
CA ILE B 35 -14.76 4.82 1.10
C ILE B 35 -15.62 3.60 1.43
N GLU B 36 -16.52 3.24 0.51
CA GLU B 36 -17.36 2.03 0.62
C GLU B 36 -16.93 1.09 -0.53
N ILE B 37 -16.54 -0.15 -0.20
CA ILE B 37 -16.03 -1.16 -1.18
C ILE B 37 -16.80 -2.46 -0.99
N ASP B 38 -17.71 -2.73 -1.93
CA ASP B 38 -18.57 -3.94 -1.91
C ASP B 38 -18.09 -4.89 -3.02
N LEU B 39 -17.63 -6.09 -2.60
CA LEU B 39 -17.65 -7.37 -3.36
C LEU B 39 -19.10 -7.86 -3.43
N LEU B 40 -19.63 -7.89 -4.66
CA LEU B 40 -21.00 -8.32 -5.02
C LEU B 40 -20.94 -9.68 -5.71
N LYS B 41 -21.72 -10.65 -5.22
CA LYS B 41 -22.07 -11.87 -5.97
C LYS B 41 -23.50 -11.70 -6.51
N ASN B 42 -23.70 -11.90 -7.81
CA ASN B 42 -25.04 -11.85 -8.45
C ASN B 42 -25.79 -10.65 -7.85
N GLY B 43 -25.15 -9.47 -7.82
CA GLY B 43 -25.73 -8.19 -7.37
C GLY B 43 -25.75 -7.99 -5.86
N GLU B 44 -25.55 -9.04 -5.04
CA GLU B 44 -25.70 -8.94 -3.56
C GLU B 44 -24.32 -8.89 -2.87
N LYS B 45 -24.14 -7.94 -1.93
CA LYS B 45 -22.88 -7.76 -1.17
C LYS B 45 -22.56 -9.09 -0.47
N MET B 46 -21.29 -9.50 -0.48
CA MET B 46 -20.76 -10.68 0.25
C MET B 46 -20.06 -10.14 1.49
N ASN B 47 -19.75 -11.00 2.46
CA ASN B 47 -19.08 -10.63 3.73
C ASN B 47 -17.56 -10.64 3.51
N ALA B 48 -17.06 -9.63 2.84
CA ALA B 48 -15.67 -9.58 2.35
C ALA B 48 -14.77 -8.92 3.42
N GLU B 49 -13.70 -9.60 3.84
CA GLU B 49 -12.68 -9.06 4.78
C GLU B 49 -11.94 -7.90 4.10
N GLN B 50 -11.71 -6.83 4.84
CA GLN B 50 -11.01 -5.63 4.30
C GLN B 50 -9.67 -5.45 5.01
N SER B 51 -8.60 -5.20 4.25
CA SER B 51 -7.23 -4.96 4.76
C SER B 51 -7.18 -3.67 5.59
N ASP B 52 -6.17 -3.54 6.45
CA ASP B 52 -5.88 -2.31 7.24
C ASP B 52 -5.57 -1.15 6.31
N LEU B 53 -6.03 0.04 6.67
CA LEU B 53 -5.85 1.28 5.87
C LEU B 53 -4.35 1.60 5.85
N SER B 54 -3.76 1.65 4.65
CA SER B 54 -2.36 2.08 4.40
C SER B 54 -2.32 3.05 3.20
N PHE B 55 -1.17 3.68 2.97
CA PHE B 55 -1.04 4.69 1.91
C PHE B 55 0.36 4.62 1.31
N SER B 56 0.45 5.15 0.09
CA SER B 56 1.64 5.24 -0.78
C SER B 56 2.36 6.56 -0.51
N LYS B 57 3.53 6.74 -1.12
CA LYS B 57 4.48 7.88 -0.88
C LYS B 57 3.86 9.19 -1.35
N ASP B 58 2.79 9.10 -2.14
CA ASP B 58 2.03 10.27 -2.63
C ASP B 58 0.85 10.54 -1.70
N TRP B 59 0.77 9.83 -0.57
CA TRP B 59 -0.27 10.01 0.49
C TRP B 59 -1.59 9.32 0.13
N SER B 60 -1.75 8.78 -1.07
CA SER B 60 -3.05 8.19 -1.49
C SER B 60 -3.21 6.86 -0.78
N PHE B 61 -4.44 6.54 -0.43
CA PHE B 61 -4.82 5.36 0.37
C PHE B 61 -5.05 4.18 -0.57
N TYR B 62 -4.78 2.96 -0.09
CA TYR B 62 -5.14 1.69 -0.77
C TYR B 62 -5.74 0.73 0.26
N LEU B 63 -6.55 -0.19 -0.26
CA LEU B 63 -7.23 -1.24 0.52
C LEU B 63 -7.42 -2.48 -0.37
N LEU B 64 -7.23 -3.67 0.21
CA LEU B 64 -7.60 -4.94 -0.43
C LEU B 64 -8.79 -5.54 0.32
N VAL B 65 -9.93 -5.60 -0.36
CA VAL B 65 -11.13 -6.39 0.04
C VAL B 65 -11.01 -7.76 -0.62
N HIS B 66 -11.24 -8.83 0.13
CA HIS B 66 -11.10 -10.22 -0.36
C HIS B 66 -12.00 -11.19 0.42
N THR B 67 -12.24 -12.36 -0.16
CA THR B 67 -13.06 -13.44 0.42
C THR B 67 -12.86 -14.71 -0.41
N GLU B 68 -12.87 -15.88 0.24
CA GLU B 68 -12.89 -17.22 -0.40
C GLU B 68 -14.03 -17.24 -1.41
N PHE B 69 -13.89 -18.00 -2.49
CA PHE B 69 -14.97 -18.19 -3.49
C PHE B 69 -14.64 -19.40 -4.36
N THR B 70 -15.68 -19.96 -4.96
CA THR B 70 -15.52 -21.12 -5.87
C THR B 70 -16.14 -20.72 -7.20
N PRO B 71 -15.30 -20.46 -8.21
CA PRO B 71 -15.78 -20.04 -9.50
C PRO B 71 -16.54 -21.15 -10.23
N ASN B 72 -17.48 -20.75 -11.07
CA ASN B 72 -18.29 -21.67 -11.88
C ASN B 72 -18.91 -20.89 -13.06
N ALA B 73 -19.64 -21.57 -13.92
CA ALA B 73 -20.21 -20.95 -15.14
C ALA B 73 -21.43 -20.05 -14.89
N VAL B 74 -21.94 -19.92 -13.67
CA VAL B 74 -23.20 -19.14 -13.51
C VAL B 74 -23.00 -17.88 -12.66
N ASP B 75 -22.12 -17.93 -11.69
CA ASP B 75 -22.01 -16.77 -10.78
C ASP B 75 -21.32 -15.57 -11.43
N GLN B 76 -22.02 -14.45 -11.55
CA GLN B 76 -21.42 -13.14 -11.91
C GLN B 76 -20.89 -12.42 -10.65
N TYR B 77 -19.60 -12.09 -10.60
CA TYR B 77 -19.01 -11.30 -9.48
C TYR B 77 -18.60 -9.91 -9.96
N SER B 78 -18.62 -8.95 -9.03
CA SER B 78 -18.16 -7.57 -9.29
C SER B 78 -17.82 -6.85 -7.98
N CYS B 79 -17.23 -5.66 -8.15
CA CYS B 79 -16.77 -4.80 -7.03
C CYS B 79 -17.37 -3.42 -7.26
N ARG B 80 -18.08 -2.91 -6.24
CA ARG B 80 -18.72 -1.57 -6.23
C ARG B 80 -18.00 -0.68 -5.19
N VAL B 81 -17.77 0.58 -5.56
CA VAL B 81 -16.95 1.56 -4.82
C VAL B 81 -17.69 2.90 -4.79
N LYS B 82 -18.01 3.39 -3.61
CA LYS B 82 -18.62 4.73 -3.43
C LYS B 82 -17.56 5.65 -2.81
N HIS B 83 -17.34 6.79 -3.46
CA HIS B 83 -16.37 7.84 -3.03
C HIS B 83 -16.91 9.22 -3.46
N VAL B 84 -16.73 10.26 -2.61
CA VAL B 84 -17.14 11.68 -2.84
C VAL B 84 -16.66 12.16 -4.22
N THR B 85 -15.58 11.57 -4.73
CA THR B 85 -14.91 11.92 -6.00
C THR B 85 -15.70 11.34 -7.20
N LEU B 86 -16.61 10.39 -6.95
CA LEU B 86 -17.42 9.69 -7.98
C LEU B 86 -18.86 10.18 -7.91
N ASP B 87 -19.44 10.60 -9.05
CA ASP B 87 -20.82 11.15 -9.12
C ASP B 87 -21.85 10.03 -8.95
N LYS B 88 -21.51 8.82 -9.40
CA LYS B 88 -22.29 7.58 -9.24
C LYS B 88 -21.30 6.45 -8.96
N PRO B 89 -21.72 5.33 -8.33
CA PRO B 89 -20.77 4.30 -7.90
C PRO B 89 -19.98 3.72 -9.08
N LYS B 90 -18.70 3.40 -8.84
CA LYS B 90 -17.87 2.64 -9.80
C LYS B 90 -18.11 1.14 -9.55
N ILE B 91 -18.56 0.42 -10.57
CA ILE B 91 -18.68 -1.07 -10.60
C ILE B 91 -17.65 -1.59 -11.61
N VAL B 92 -16.85 -2.58 -11.21
CA VAL B 92 -15.96 -3.33 -12.15
C VAL B 92 -16.37 -4.79 -12.06
N LYS B 93 -16.80 -5.36 -13.19
CA LYS B 93 -17.18 -6.78 -13.35
C LYS B 93 -15.90 -7.61 -13.24
N TRP B 94 -15.93 -8.84 -12.72
CA TRP B 94 -14.74 -9.74 -12.65
C TRP B 94 -14.73 -10.65 -13.89
N ASP B 95 -13.58 -10.89 -14.55
CA ASP B 95 -13.65 -11.75 -15.76
C ASP B 95 -12.39 -12.56 -16.15
N ARG B 96 -11.78 -13.34 -15.27
CA ARG B 96 -10.55 -14.12 -15.61
C ARG B 96 -9.57 -13.28 -16.47
N ASP B 97 -9.32 -12.02 -16.04
CA ASP B 97 -8.41 -11.01 -16.68
C ASP B 97 -8.04 -9.93 -15.66
N THR C 1 10.68 -0.96 15.56
CA THR C 1 10.04 -0.25 16.71
C THR C 1 9.93 1.24 16.40
N MET C 2 8.90 1.87 16.97
CA MET C 2 8.41 3.23 16.64
C MET C 2 9.17 4.34 17.40
N TYR C 3 9.10 5.57 16.89
CA TYR C 3 9.51 6.83 17.58
C TYR C 3 8.55 7.13 18.73
N SER C 4 9.07 7.33 19.94
CA SER C 4 8.26 7.63 21.17
C SER C 4 8.34 9.11 21.59
N LEU C 5 9.17 9.95 20.96
CA LEU C 5 9.46 11.32 21.46
C LEU C 5 8.53 12.33 20.79
N GLY C 6 8.71 13.63 21.06
CA GLY C 6 7.79 14.69 20.65
C GLY C 6 7.72 14.83 19.13
N TYR C 7 6.54 15.22 18.65
CA TYR C 7 6.22 15.56 17.24
C TYR C 7 5.10 16.60 17.29
N ILE C 8 5.47 17.87 17.50
CA ILE C 8 4.52 18.96 17.84
C ILE C 8 3.92 19.44 16.52
N PHE C 9 2.62 19.77 16.50
CA PHE C 9 1.97 20.48 15.36
C PHE C 9 1.75 21.97 15.66
#